data_3B9D
#
_entry.id   3B9D
#
_cell.length_a   63.508
_cell.length_b   83.076
_cell.length_c   105.586
_cell.angle_alpha   90.00
_cell.angle_beta   90.00
_cell.angle_gamma   90.00
#
_symmetry.space_group_name_H-M   'P 21 21 21'
#
loop_
_entity.id
_entity.type
_entity.pdbx_description
1 polymer 'Chitinase A'
2 branched 2-acetamido-2-deoxy-beta-D-glucopyranose-(1-4)-2-acetamido-2-deoxy-beta-D-glucopyranose-(1-4)-2-acetamido-2-deoxy-beta-D-glucopyranose-(1-4)-2-acetamido-2-deoxy-beta-D-glucopyranose
3 water water
#
_entity_poly.entity_id   1
_entity_poly.type   'polypeptide(L)'
_entity_poly.pdbx_seq_one_letter_code
;APTAPSIDMYGSNNLQFSKIELAMETTSGYNDMVKYHELAKIKVKFNQWSGTSGDTYNVYFDGVKVATGAITGSQTTASF
EYGQGGLYQMEIEACDATGCSKSAPVEITIADTDGSHLKPLTMNVDPNNKSYNTDPSIVMGTYFVEWGIYGRDYTVDNMP
VDNLTHILYGFIPICGPNESVKSVGGNSFNALQTACRGVNDYEVVIHDPWAAYQKSFPQAGHEYSTPIKGNYAMLMALKQ
RNPDLKIIPSIGGWTLSDPFYDFVDKKNRDTFVASVKKFLKTWKFYDGVDIDWMFPGGGGAAADKGDPVNDGPAYIALMR
ELRVMLDELEAETGRTYELTSAIGVGYDKIEDVDYADAVQYMDYIFAMTYDFYGGWNNVPGHQTALYCGSFMRPGQCDGG
GVDENGEPYKGPAYTADNGIQLLLAQGVPANKLVLGTAMYGRGWEGVTPDTLTDPNDPMTGTATGKLKGSTAQGVWEDGV
IDYKGIKSFMLGANNTGINGFEYGYDAQAEAPWVWNRSTGELITFDDHRSVLAKGNYAKSLGLAGLFSWEIDADNGDILN
AMHEGMAGGVVTPPNRRSHHHHHH
;
_entity_poly.pdbx_strand_id   A
#
# COMPACT_ATOMS: atom_id res chain seq x y z
N ALA A 1 -33.67 4.16 -47.04
CA ALA A 1 -32.62 4.36 -46.00
C ALA A 1 -31.43 5.14 -46.55
N PRO A 2 -30.86 6.05 -45.75
CA PRO A 2 -29.66 6.80 -46.18
C PRO A 2 -28.40 5.94 -46.16
N THR A 3 -27.29 6.50 -46.65
CA THR A 3 -25.99 5.83 -46.64
C THR A 3 -25.54 5.58 -45.21
N ALA A 4 -24.99 4.39 -44.98
CA ALA A 4 -24.47 4.02 -43.66
C ALA A 4 -23.24 4.85 -43.31
N PRO A 5 -23.23 5.47 -42.11
CA PRO A 5 -22.11 6.28 -41.63
C PRO A 5 -20.79 5.53 -41.66
N SER A 6 -19.71 6.22 -42.02
CA SER A 6 -18.37 5.66 -42.02
C SER A 6 -17.51 6.44 -41.04
N ILE A 7 -17.00 5.75 -40.01
CA ILE A 7 -16.27 6.39 -38.92
C ILE A 7 -14.92 6.93 -39.40
N ASP A 8 -14.70 8.22 -39.13
CA ASP A 8 -13.41 8.85 -39.35
C ASP A 8 -12.57 8.63 -38.09
N MET A 9 -11.65 7.67 -38.16
CA MET A 9 -10.85 7.28 -37.00
C MET A 9 -9.96 8.39 -36.46
N TYR A 10 -9.23 9.06 -37.35
CA TYR A 10 -8.36 10.17 -36.95
C TYR A 10 -9.15 11.33 -36.35
N GLY A 11 -10.27 11.67 -36.97
CA GLY A 11 -11.15 12.74 -36.50
C GLY A 11 -11.90 12.41 -35.23
N SER A 12 -11.82 11.15 -34.81
CA SER A 12 -12.48 10.67 -33.59
C SER A 12 -11.46 10.28 -32.52
N ASN A 13 -10.24 10.80 -32.62
CA ASN A 13 -9.13 10.52 -31.70
C ASN A 13 -8.82 9.02 -31.56
N ASN A 14 -8.88 8.30 -32.69
CA ASN A 14 -8.74 6.84 -32.73
C ASN A 14 -9.67 6.12 -31.76
N LEU A 15 -10.78 6.78 -31.43
CA LEU A 15 -11.79 6.30 -30.48
C LEU A 15 -11.22 5.99 -29.08
N GLN A 16 -10.24 6.79 -28.68
CA GLN A 16 -9.66 6.69 -27.34
C GLN A 16 -10.03 7.92 -26.52
N PHE A 17 -10.80 7.70 -25.46
CA PHE A 17 -11.23 8.77 -24.56
C PHE A 17 -10.95 8.40 -23.11
N SER A 18 -10.96 9.41 -22.25
CA SER A 18 -10.61 9.21 -20.84
C SER A 18 -11.36 10.17 -19.92
N LYS A 19 -11.77 9.65 -18.76
CA LYS A 19 -12.38 10.47 -17.71
C LYS A 19 -11.34 11.22 -16.89
N ILE A 20 -10.07 10.85 -17.07
CA ILE A 20 -8.97 11.47 -16.34
C ILE A 20 -7.90 12.01 -17.28
N GLU A 21 -7.45 13.24 -17.02
CA GLU A 21 -6.30 13.83 -17.71
C GLU A 21 -5.11 13.78 -16.78
N LEU A 22 -4.04 13.13 -17.22
CA LEU A 22 -2.82 13.03 -16.42
C LEU A 22 -1.63 13.52 -17.22
N ALA A 23 -0.90 14.48 -16.65
CA ALA A 23 0.31 15.00 -17.28
C ALA A 23 1.38 13.91 -17.26
N MET A 24 1.97 13.65 -18.43
CA MET A 24 2.90 12.53 -18.61
C MET A 24 4.35 12.96 -18.84
N GLU A 25 4.53 14.19 -19.32
CA GLU A 25 5.85 14.64 -19.79
C GLU A 25 6.40 15.81 -18.96
N THR A 26 5.65 16.17 -17.93
CA THR A 26 6.05 17.26 -17.03
C THR A 26 5.83 16.86 -15.57
N THR A 27 6.32 17.68 -14.65
CA THR A 27 6.07 17.51 -13.23
C THR A 27 5.67 18.85 -12.61
N SER A 28 4.54 18.85 -11.92
CA SER A 28 4.00 20.07 -11.32
C SER A 28 3.13 19.72 -10.12
N GLY A 29 2.33 20.69 -9.68
CA GLY A 29 1.39 20.49 -8.58
C GLY A 29 0.34 19.45 -8.88
N TYR A 30 -0.10 18.75 -7.84
CA TYR A 30 -1.07 17.67 -7.98
C TYR A 30 -2.31 18.06 -8.79
N ASN A 31 -2.91 19.20 -8.44
CA ASN A 31 -4.10 19.66 -9.13
C ASN A 31 -3.86 20.20 -10.54
N ASP A 32 -2.60 20.51 -10.83
CA ASP A 32 -2.18 20.87 -12.18
C ASP A 32 -2.00 19.60 -13.01
N MET A 33 -1.41 18.57 -12.40
CA MET A 33 -1.12 17.32 -13.12
C MET A 33 -2.33 16.39 -13.30
N VAL A 34 -3.24 16.41 -12.34
CA VAL A 34 -4.37 15.48 -12.29
C VAL A 34 -5.72 16.21 -12.42
N LYS A 35 -6.46 15.89 -13.48
CA LYS A 35 -7.80 16.43 -13.67
C LYS A 35 -8.80 15.30 -13.89
N TYR A 36 -9.72 15.13 -12.95
CA TYR A 36 -10.73 14.09 -13.07
C TYR A 36 -12.09 14.67 -13.45
N HIS A 37 -12.78 13.95 -14.33
CA HIS A 37 -14.10 14.36 -14.81
C HIS A 37 -15.12 13.25 -14.60
N GLU A 38 -16.26 13.62 -14.03
CA GLU A 38 -17.35 12.68 -13.80
C GLU A 38 -17.93 12.15 -15.12
N LEU A 39 -17.84 12.98 -16.16
CA LEU A 39 -18.26 12.61 -17.50
C LEU A 39 -17.14 12.85 -18.49
N ALA A 40 -16.82 11.84 -19.30
CA ALA A 40 -15.85 11.97 -20.37
C ALA A 40 -16.51 12.69 -21.54
N LYS A 41 -15.77 13.63 -22.14
CA LYS A 41 -16.24 14.32 -23.34
C LYS A 41 -15.90 13.48 -24.58
N ILE A 42 -16.92 12.92 -25.20
CA ILE A 42 -16.76 12.07 -26.38
C ILE A 42 -17.02 12.87 -27.65
N LYS A 43 -16.13 12.74 -28.64
CA LYS A 43 -16.25 13.42 -29.92
C LYS A 43 -15.92 12.44 -31.05
N VAL A 44 -16.95 12.04 -31.79
CA VAL A 44 -16.78 11.09 -32.89
C VAL A 44 -17.22 11.73 -34.22
N LYS A 45 -16.36 11.65 -35.22
CA LYS A 45 -16.67 12.15 -36.56
C LYS A 45 -16.93 11.00 -37.53
N PHE A 46 -17.96 11.15 -38.36
CA PHE A 46 -18.26 10.16 -39.39
C PHE A 46 -18.59 10.78 -40.76
N ASN A 47 -18.38 10.00 -41.81
CA ASN A 47 -18.52 10.46 -43.19
C ASN A 47 -19.59 9.70 -43.96
N GLN A 48 -20.24 10.40 -44.89
CA GLN A 48 -21.18 9.81 -45.84
C GLN A 48 -20.93 10.43 -47.21
N TRP A 49 -19.86 10.00 -47.86
CA TRP A 49 -19.37 10.65 -49.09
C TRP A 49 -20.16 10.35 -50.37
N SER A 50 -21.06 9.38 -50.30
CA SER A 50 -21.91 9.02 -51.44
C SER A 50 -23.35 8.79 -51.00
N GLY A 51 -24.29 9.07 -51.91
CA GLY A 51 -25.71 8.91 -51.64
C GLY A 51 -26.27 9.97 -50.69
N THR A 52 -27.42 9.66 -50.09
CA THR A 52 -28.06 10.58 -49.15
C THR A 52 -27.48 10.40 -47.74
N SER A 53 -27.21 11.52 -47.07
CA SER A 53 -26.67 11.51 -45.72
C SER A 53 -27.75 11.25 -44.67
N GLY A 54 -28.98 11.65 -44.99
CA GLY A 54 -30.10 11.52 -44.06
C GLY A 54 -30.25 12.75 -43.20
N ASP A 55 -31.09 12.64 -42.16
CA ASP A 55 -31.45 13.79 -41.33
C ASP A 55 -30.95 13.68 -39.89
N THR A 56 -30.93 12.45 -39.36
CA THR A 56 -30.71 12.21 -37.94
C THR A 56 -29.70 11.08 -37.71
N TYR A 57 -28.83 11.24 -36.72
CA TYR A 57 -27.94 10.15 -36.29
C TYR A 57 -28.27 9.62 -34.89
N ASN A 58 -27.88 8.37 -34.64
CA ASN A 58 -27.95 7.78 -33.32
C ASN A 58 -26.67 7.01 -33.03
N VAL A 59 -26.06 7.29 -31.87
CA VAL A 59 -24.87 6.57 -31.45
C VAL A 59 -25.25 5.50 -30.43
N TYR A 60 -24.80 4.27 -30.67
CA TYR A 60 -25.07 3.15 -29.78
C TYR A 60 -23.79 2.58 -29.19
N PHE A 61 -23.84 2.24 -27.90
CA PHE A 61 -22.79 1.50 -27.21
C PHE A 61 -23.40 0.15 -26.80
N ASP A 62 -22.88 -0.93 -27.37
CA ASP A 62 -23.43 -2.28 -27.17
C ASP A 62 -24.96 -2.33 -27.35
N GLY A 63 -25.45 -1.64 -28.38
CA GLY A 63 -26.87 -1.63 -28.71
C GLY A 63 -27.71 -0.63 -27.94
N VAL A 64 -27.10 0.05 -26.97
CA VAL A 64 -27.80 1.04 -26.15
C VAL A 64 -27.51 2.45 -26.66
N LYS A 65 -28.56 3.22 -26.92
CA LYS A 65 -28.41 4.57 -27.45
C LYS A 65 -27.79 5.50 -26.40
N VAL A 66 -26.71 6.18 -26.79
CA VAL A 66 -25.98 7.07 -25.88
C VAL A 66 -25.94 8.51 -26.37
N ALA A 67 -26.27 8.71 -27.66
CA ALA A 67 -26.30 10.04 -28.25
C ALA A 67 -27.20 10.09 -29.49
N THR A 68 -27.68 11.29 -29.81
CA THR A 68 -28.45 11.54 -31.02
C THR A 68 -28.37 13.02 -31.40
N GLY A 69 -28.49 13.30 -32.69
CA GLY A 69 -28.41 14.66 -33.23
C GLY A 69 -28.69 14.72 -34.71
N ALA A 70 -28.44 15.89 -35.30
CA ALA A 70 -28.77 16.13 -36.70
C ALA A 70 -27.60 15.82 -37.64
N ILE A 71 -27.95 15.41 -38.86
CA ILE A 71 -26.97 15.22 -39.92
C ILE A 71 -27.13 16.32 -40.97
N THR A 72 -26.04 17.02 -41.25
CA THR A 72 -25.99 17.99 -42.33
C THR A 72 -24.76 17.73 -43.19
N GLY A 73 -24.99 17.48 -44.48
CA GLY A 73 -23.92 17.26 -45.43
C GLY A 73 -23.21 15.92 -45.29
N SER A 74 -22.09 15.80 -45.97
CA SER A 74 -21.32 14.55 -46.03
C SER A 74 -20.49 14.29 -44.78
N GLN A 75 -20.28 15.34 -43.97
CA GLN A 75 -19.45 15.27 -42.78
C GLN A 75 -20.25 15.61 -41.53
N THR A 76 -20.14 14.78 -40.49
CA THR A 76 -20.85 15.00 -39.23
C THR A 76 -19.99 14.70 -38.01
N THR A 77 -20.00 15.65 -37.06
CA THR A 77 -19.33 15.49 -35.78
C THR A 77 -20.36 15.23 -34.68
N ALA A 78 -20.18 14.13 -33.94
CA ALA A 78 -21.06 13.80 -32.83
C ALA A 78 -20.36 14.03 -31.49
N SER A 79 -20.78 15.08 -30.79
CA SER A 79 -20.22 15.42 -29.48
C SER A 79 -21.22 15.11 -28.37
N PHE A 80 -20.78 14.34 -27.39
CA PHE A 80 -21.62 13.98 -26.23
C PHE A 80 -20.76 13.63 -25.02
N GLU A 81 -21.41 13.42 -23.87
CA GLU A 81 -20.72 13.05 -22.64
C GLU A 81 -21.15 11.68 -22.13
N TYR A 82 -20.20 10.94 -21.57
CA TYR A 82 -20.44 9.59 -21.06
C TYR A 82 -19.64 9.34 -19.79
N GLY A 83 -20.27 8.72 -18.80
CA GLY A 83 -19.69 8.62 -17.46
C GLY A 83 -19.20 7.25 -16.99
N GLN A 84 -19.41 6.22 -17.81
CA GLN A 84 -18.97 4.88 -17.44
C GLN A 84 -17.75 4.46 -18.25
N GLY A 85 -16.69 4.06 -17.55
CA GLY A 85 -15.49 3.56 -18.21
C GLY A 85 -15.72 2.17 -18.79
N GLY A 86 -14.89 1.81 -19.76
CA GLY A 86 -14.94 0.46 -20.34
C GLY A 86 -14.70 0.42 -21.83
N LEU A 87 -14.91 -0.76 -22.41
CA LEU A 87 -14.79 -0.99 -23.84
C LEU A 87 -16.17 -1.31 -24.40
N TYR A 88 -16.58 -0.54 -25.40
CA TYR A 88 -17.91 -0.68 -25.96
C TYR A 88 -17.88 -0.89 -27.47
N GLN A 89 -18.82 -1.69 -27.96
CA GLN A 89 -19.04 -1.82 -29.41
C GLN A 89 -19.89 -0.64 -29.85
N MET A 90 -19.27 0.29 -30.58
CA MET A 90 -19.97 1.48 -31.05
C MET A 90 -20.49 1.32 -32.46
N GLU A 91 -21.77 1.65 -32.64
CA GLU A 91 -22.37 1.72 -33.96
C GLU A 91 -23.02 3.09 -34.12
N ILE A 92 -22.85 3.68 -35.30
CA ILE A 92 -23.50 4.95 -35.62
C ILE A 92 -24.53 4.75 -36.72
N GLU A 93 -25.74 5.20 -36.44
CA GLU A 93 -26.89 5.01 -37.29
C GLU A 93 -27.28 6.32 -37.95
N ALA A 94 -27.66 6.25 -39.23
CA ALA A 94 -28.20 7.41 -39.95
C ALA A 94 -29.63 7.11 -40.37
N CYS A 95 -30.55 8.03 -40.08
CA CYS A 95 -31.96 7.83 -40.36
C CYS A 95 -32.60 8.95 -41.16
N ASP A 96 -33.55 8.58 -42.01
CA ASP A 96 -34.47 9.55 -42.62
C ASP A 96 -35.88 8.96 -42.62
N ALA A 97 -36.77 9.54 -43.44
CA ALA A 97 -38.15 9.08 -43.54
C ALA A 97 -38.29 7.64 -44.05
N THR A 98 -37.36 7.22 -44.91
CA THR A 98 -37.42 5.90 -45.54
C THR A 98 -36.86 4.77 -44.69
N GLY A 99 -35.96 5.10 -43.75
CA GLY A 99 -35.40 4.09 -42.84
C GLY A 99 -34.08 4.48 -42.23
N CYS A 100 -33.40 3.49 -41.64
CA CYS A 100 -32.11 3.71 -40.98
C CYS A 100 -31.04 2.76 -41.47
N SER A 101 -29.78 3.23 -41.44
CA SER A 101 -28.62 2.40 -41.77
C SER A 101 -27.54 2.55 -40.72
N LYS A 102 -26.89 1.44 -40.37
CA LYS A 102 -25.87 1.43 -39.32
C LYS A 102 -24.47 1.19 -39.86
N SER A 103 -23.49 1.85 -39.24
CA SER A 103 -22.08 1.56 -39.48
C SER A 103 -21.74 0.16 -38.96
N ALA A 104 -20.61 -0.38 -39.42
CA ALA A 104 -20.06 -1.59 -38.84
C ALA A 104 -19.62 -1.29 -37.41
N PRO A 105 -19.80 -2.25 -36.48
CA PRO A 105 -19.40 -1.98 -35.10
C PRO A 105 -17.88 -1.85 -34.96
N VAL A 106 -17.46 -0.88 -34.14
CA VAL A 106 -16.05 -0.68 -33.84
C VAL A 106 -15.90 -0.36 -32.36
N GLU A 107 -14.79 -0.79 -31.77
CA GLU A 107 -14.58 -0.62 -30.33
C GLU A 107 -14.15 0.79 -29.96
N ILE A 108 -14.89 1.37 -29.02
CA ILE A 108 -14.53 2.65 -28.42
C ILE A 108 -14.00 2.40 -27.01
N THR A 109 -12.95 3.13 -26.62
CA THR A 109 -12.33 2.99 -25.31
C THR A 109 -12.58 4.25 -24.47
N ILE A 110 -13.19 4.05 -23.31
CA ILE A 110 -13.38 5.14 -22.35
C ILE A 110 -12.68 4.77 -21.05
N ALA A 111 -11.55 5.44 -20.79
CA ALA A 111 -10.71 5.11 -19.65
C ALA A 111 -11.29 5.66 -18.36
N ASP A 112 -11.24 4.83 -17.32
CA ASP A 112 -11.55 5.28 -15.96
C ASP A 112 -10.61 4.59 -14.98
N THR A 113 -10.51 5.15 -13.77
CA THR A 113 -9.54 4.72 -12.79
C THR A 113 -9.94 3.46 -12.01
N ASP A 114 -11.02 2.82 -12.44
CA ASP A 114 -11.40 1.51 -11.94
C ASP A 114 -10.78 0.40 -12.80
N GLY A 115 -10.15 0.79 -13.91
CA GLY A 115 -9.49 -0.15 -14.81
C GLY A 115 -10.43 -0.89 -15.75
N SER A 116 -11.66 -0.40 -15.85
CA SER A 116 -12.71 -1.04 -16.66
C SER A 116 -12.38 -1.12 -18.15
N HIS A 117 -11.48 -0.25 -18.60
CA HIS A 117 -11.03 -0.21 -19.99
C HIS A 117 -9.84 -1.13 -20.22
N LEU A 118 -9.29 -1.68 -19.13
CA LEU A 118 -8.10 -2.50 -19.18
C LEU A 118 -8.41 -3.98 -19.09
N LYS A 119 -7.61 -4.78 -19.79
CA LYS A 119 -7.62 -6.22 -19.62
C LYS A 119 -6.93 -6.57 -18.30
N PRO A 120 -7.34 -7.69 -17.66
CA PRO A 120 -6.69 -8.20 -16.45
C PRO A 120 -5.17 -8.31 -16.59
N LEU A 121 -4.45 -8.04 -15.50
CA LEU A 121 -2.99 -8.00 -15.53
C LEU A 121 -2.38 -9.39 -15.68
N THR A 122 -1.38 -9.50 -16.56
CA THR A 122 -0.57 -10.71 -16.65
C THR A 122 0.54 -10.60 -15.61
N MET A 123 0.80 -11.69 -14.91
CA MET A 123 1.74 -11.68 -13.78
C MET A 123 3.12 -12.23 -14.14
N ASN A 124 4.12 -11.81 -13.37
CA ASN A 124 5.49 -12.32 -13.44
C ASN A 124 5.98 -12.57 -12.01
N VAL A 125 5.40 -13.58 -11.39
CA VAL A 125 5.63 -13.89 -9.98
C VAL A 125 6.70 -14.98 -9.85
N ASP A 126 7.61 -14.78 -8.90
CA ASP A 126 8.61 -15.79 -8.54
C ASP A 126 7.89 -17.09 -8.19
N PRO A 127 8.20 -18.18 -8.93
CA PRO A 127 7.51 -19.47 -8.73
C PRO A 127 7.74 -20.09 -7.34
N ASN A 128 8.64 -19.51 -6.55
CA ASN A 128 8.82 -19.93 -5.16
C ASN A 128 7.58 -19.64 -4.30
N ASN A 129 6.79 -18.66 -4.74
CA ASN A 129 5.46 -18.41 -4.18
C ASN A 129 4.52 -19.57 -4.54
N LYS A 130 4.06 -20.28 -3.51
CA LYS A 130 3.23 -21.48 -3.69
C LYS A 130 1.75 -21.14 -3.82
N SER A 131 0.95 -22.16 -4.18
CA SER A 131 -0.50 -22.04 -4.29
C SER A 131 -1.17 -22.60 -3.04
N TYR A 132 -2.14 -21.85 -2.51
CA TYR A 132 -2.83 -22.23 -1.28
C TYR A 132 -4.36 -22.14 -1.39
N ASN A 133 -5.04 -22.85 -0.50
CA ASN A 133 -6.50 -22.79 -0.42
C ASN A 133 -6.93 -22.21 0.93
N THR A 134 -6.30 -21.10 1.30
CA THR A 134 -6.58 -20.41 2.56
C THR A 134 -7.97 -19.78 2.52
N ASP A 135 -8.69 -19.89 3.64
CA ASP A 135 -9.99 -19.26 3.83
C ASP A 135 -9.91 -17.78 3.42
N PRO A 136 -10.72 -17.37 2.42
CA PRO A 136 -10.71 -15.96 1.95
C PRO A 136 -11.13 -14.95 3.02
N SER A 137 -11.72 -15.43 4.12
CA SER A 137 -12.13 -14.57 5.22
C SER A 137 -10.95 -14.20 6.13
N ILE A 138 -9.83 -14.91 5.96
CA ILE A 138 -8.61 -14.64 6.72
C ILE A 138 -7.79 -13.56 6.01
N VAL A 139 -7.46 -12.51 6.75
CA VAL A 139 -6.66 -11.42 6.19
C VAL A 139 -5.24 -11.91 5.90
N MET A 140 -4.79 -11.65 4.67
CA MET A 140 -3.43 -11.92 4.23
C MET A 140 -2.94 -10.66 3.52
N GLY A 141 -2.32 -9.77 4.28
CA GLY A 141 -1.96 -8.45 3.76
C GLY A 141 -0.49 -8.24 3.56
N THR A 142 -0.16 -7.28 2.71
CA THR A 142 1.23 -6.84 2.53
C THR A 142 1.28 -5.40 2.06
N TYR A 143 2.43 -4.77 2.27
CA TYR A 143 2.71 -3.44 1.74
C TYR A 143 3.50 -3.52 0.43
N PHE A 144 3.00 -2.82 -0.58
CA PHE A 144 3.74 -2.55 -1.81
C PHE A 144 4.17 -1.09 -1.74
N VAL A 145 5.46 -0.84 -1.95
CA VAL A 145 5.98 0.52 -1.84
C VAL A 145 6.19 1.18 -3.20
N GLU A 146 5.79 2.44 -3.29
CA GLU A 146 5.82 3.20 -4.53
C GLU A 146 7.22 3.24 -5.14
N TRP A 147 8.23 3.43 -4.28
CA TRP A 147 9.63 3.58 -4.69
C TRP A 147 10.33 2.25 -4.96
N GLY A 148 9.61 1.14 -4.82
CA GLY A 148 10.19 -0.19 -5.03
C GLY A 148 10.50 -0.51 -6.48
N ILE A 149 10.01 0.33 -7.40
CA ILE A 149 10.19 0.12 -8.84
C ILE A 149 11.57 0.60 -9.32
N TYR A 150 12.28 1.28 -8.43
CA TYR A 150 13.61 1.81 -8.74
C TYR A 150 14.70 0.76 -8.48
N GLY A 151 15.58 1.02 -7.51
CA GLY A 151 16.68 0.10 -7.20
C GLY A 151 16.22 -1.32 -6.87
N ARG A 152 15.12 -1.42 -6.14
CA ARG A 152 14.57 -2.72 -5.73
C ARG A 152 13.97 -3.50 -6.91
N ASP A 153 13.72 -2.80 -8.01
CA ASP A 153 13.22 -3.39 -9.27
C ASP A 153 12.06 -4.37 -9.03
N TYR A 154 11.10 -3.94 -8.22
CA TYR A 154 9.95 -4.77 -7.89
C TYR A 154 8.67 -4.04 -8.28
N THR A 155 7.95 -4.64 -9.21
CA THR A 155 6.80 -4.02 -9.85
C THR A 155 5.50 -4.76 -9.52
N VAL A 156 4.37 -4.12 -9.80
CA VAL A 156 3.05 -4.65 -9.42
C VAL A 156 2.83 -6.09 -9.90
N ASP A 157 3.28 -6.39 -11.12
CA ASP A 157 3.13 -7.73 -11.71
C ASP A 157 3.99 -8.81 -11.03
N ASN A 158 4.89 -8.40 -10.15
CA ASN A 158 5.70 -9.35 -9.37
C ASN A 158 4.97 -9.88 -8.13
N MET A 159 3.93 -9.17 -7.70
CA MET A 159 3.21 -9.53 -6.49
C MET A 159 2.46 -10.86 -6.63
N PRO A 160 2.60 -11.74 -5.62
CA PRO A 160 1.86 -13.01 -5.59
C PRO A 160 0.40 -12.75 -5.17
N VAL A 161 -0.36 -12.12 -6.06
CA VAL A 161 -1.67 -11.56 -5.74
C VAL A 161 -2.71 -12.60 -5.31
N ASP A 162 -2.55 -13.83 -5.79
CA ASP A 162 -3.45 -14.92 -5.40
C ASP A 162 -3.29 -15.31 -3.93
N ASN A 163 -2.16 -14.90 -3.34
CA ASN A 163 -1.85 -15.18 -1.94
C ASN A 163 -2.06 -13.96 -1.04
N LEU A 164 -2.80 -12.99 -1.54
CA LEU A 164 -3.06 -11.75 -0.81
C LEU A 164 -4.54 -11.39 -0.81
N THR A 165 -5.03 -10.90 0.32
CA THR A 165 -6.37 -10.33 0.42
C THR A 165 -6.32 -8.81 0.38
N HIS A 166 -5.21 -8.26 0.89
CA HIS A 166 -5.04 -6.81 1.02
C HIS A 166 -3.66 -6.39 0.53
N ILE A 167 -3.65 -5.39 -0.34
CA ILE A 167 -2.41 -4.70 -0.72
C ILE A 167 -2.51 -3.28 -0.17
N LEU A 168 -1.60 -2.95 0.74
CA LEU A 168 -1.48 -1.59 1.26
C LEU A 168 -0.39 -0.87 0.49
N TYR A 169 -0.74 0.25 -0.14
CA TYR A 169 0.18 0.97 -1.01
C TYR A 169 0.82 2.15 -0.26
N GLY A 170 2.10 2.03 0.04
CA GLY A 170 2.84 3.07 0.75
C GLY A 170 3.69 3.92 -0.19
N PHE A 171 3.72 5.24 0.01
CA PHE A 171 2.90 5.97 0.97
C PHE A 171 2.32 7.21 0.32
N ILE A 172 1.13 7.62 0.78
CA ILE A 172 0.50 8.85 0.34
C ILE A 172 0.82 9.97 1.34
N PRO A 173 1.50 11.03 0.88
CA PRO A 173 1.80 12.17 1.75
C PRO A 173 0.61 13.12 1.97
N ILE A 174 0.72 13.93 3.02
CA ILE A 174 -0.20 15.01 3.31
C ILE A 174 0.57 16.32 3.23
N CYS A 175 0.08 17.28 2.45
CA CYS A 175 0.73 18.57 2.35
C CYS A 175 0.73 19.31 3.69
N GLY A 176 1.83 19.99 3.98
CA GLY A 176 1.98 20.74 5.23
C GLY A 176 3.36 20.56 5.82
N PRO A 177 3.47 20.61 7.16
CA PRO A 177 4.76 20.40 7.80
C PRO A 177 5.27 18.99 7.54
N ASN A 178 6.48 18.89 6.98
CA ASN A 178 7.03 17.59 6.58
C ASN A 178 8.55 17.55 6.68
N GLU A 179 9.09 18.16 7.74
CA GLU A 179 10.53 18.19 7.96
C GLU A 179 11.18 16.80 8.04
N SER A 180 10.41 15.82 8.51
CA SER A 180 10.90 14.43 8.62
C SER A 180 11.29 13.80 7.28
N VAL A 181 10.71 14.32 6.19
CA VAL A 181 10.99 13.83 4.84
C VAL A 181 12.45 14.04 4.42
N LYS A 182 13.06 15.10 4.95
CA LYS A 182 14.47 15.42 4.65
C LYS A 182 15.46 14.30 5.02
N SER A 183 15.07 13.47 5.99
CA SER A 183 15.91 12.34 6.44
C SER A 183 16.03 11.24 5.38
N VAL A 184 15.08 11.25 4.43
CA VAL A 184 15.06 10.29 3.32
C VAL A 184 16.17 10.59 2.30
N GLY A 185 16.40 11.87 2.04
CA GLY A 185 17.29 12.28 0.96
C GLY A 185 16.63 12.03 -0.39
N GLY A 186 17.45 11.78 -1.41
CA GLY A 186 16.96 11.52 -2.77
C GLY A 186 16.07 12.60 -3.34
N ASN A 187 16.18 13.80 -2.78
CA ASN A 187 15.38 14.98 -3.19
C ASN A 187 13.88 14.85 -2.92
N SER A 188 13.52 13.99 -1.96
CA SER A 188 12.12 13.70 -1.65
C SER A 188 11.35 14.88 -1.07
N PHE A 189 12.02 15.72 -0.29
CA PHE A 189 11.38 16.90 0.27
C PHE A 189 10.96 17.87 -0.84
N ASN A 190 11.89 18.19 -1.73
CA ASN A 190 11.60 19.04 -2.88
C ASN A 190 10.49 18.48 -3.76
N ALA A 191 10.50 17.16 -3.96
CA ALA A 191 9.46 16.47 -4.73
C ALA A 191 8.08 16.70 -4.11
N LEU A 192 8.02 16.63 -2.78
CA LEU A 192 6.78 16.90 -2.05
C LEU A 192 6.35 18.36 -2.17
N GLN A 193 7.31 19.28 -2.08
CA GLN A 193 7.01 20.71 -2.25
C GLN A 193 6.36 20.96 -3.63
N THR A 194 6.92 20.33 -4.66
CA THR A 194 6.39 20.45 -6.02
C THR A 194 4.96 19.93 -6.11
N ALA A 195 4.74 18.72 -5.58
CA ALA A 195 3.43 18.10 -5.58
C ALA A 195 2.39 18.95 -4.84
N CYS A 196 2.84 19.68 -3.83
CA CYS A 196 1.94 20.45 -2.97
C CYS A 196 1.67 21.87 -3.45
N ARG A 197 2.38 22.31 -4.50
CA ARG A 197 2.09 23.61 -5.09
C ARG A 197 0.68 23.59 -5.67
N GLY A 198 -0.16 24.53 -5.22
CA GLY A 198 -1.56 24.58 -5.64
C GLY A 198 -2.47 23.68 -4.83
N VAL A 199 -1.93 23.14 -3.73
CA VAL A 199 -2.66 22.24 -2.85
C VAL A 199 -2.63 22.82 -1.43
N ASN A 200 -3.80 22.86 -0.79
CA ASN A 200 -3.89 23.37 0.58
C ASN A 200 -3.24 22.40 1.57
N ASP A 201 -2.70 22.95 2.66
CA ASP A 201 -2.19 22.13 3.75
C ASP A 201 -3.26 21.15 4.22
N TYR A 202 -2.80 19.94 4.57
CA TYR A 202 -3.65 18.85 5.10
C TYR A 202 -4.47 18.11 4.04
N GLU A 203 -4.22 18.42 2.76
CA GLU A 203 -4.79 17.66 1.65
C GLU A 203 -3.75 16.65 1.15
N VAL A 204 -4.22 15.48 0.70
CA VAL A 204 -3.33 14.44 0.20
C VAL A 204 -2.87 14.71 -1.23
N VAL A 205 -1.68 14.22 -1.57
CA VAL A 205 -1.17 14.27 -2.93
C VAL A 205 -0.44 12.96 -3.27
N ILE A 206 -0.05 12.81 -4.54
CA ILE A 206 0.86 11.74 -4.94
C ILE A 206 2.30 12.26 -4.82
N HIS A 207 3.15 11.52 -4.12
CA HIS A 207 4.53 11.92 -3.88
C HIS A 207 5.36 11.82 -5.15
N ASP A 208 5.18 10.72 -5.87
CA ASP A 208 5.99 10.39 -7.05
C ASP A 208 5.08 10.06 -8.23
N PRO A 209 4.63 11.11 -8.97
CA PRO A 209 3.76 10.91 -10.12
C PRO A 209 4.37 10.03 -11.22
N TRP A 210 5.69 10.07 -11.39
CA TRP A 210 6.36 9.18 -12.34
C TRP A 210 6.06 7.72 -12.03
N ALA A 211 6.35 7.31 -10.80
CA ALA A 211 6.10 5.93 -10.35
C ALA A 211 4.60 5.61 -10.34
N ALA A 212 3.80 6.58 -9.88
CA ALA A 212 2.37 6.37 -9.70
C ALA A 212 1.62 6.18 -11.02
N TYR A 213 1.78 7.09 -11.97
CA TYR A 213 0.95 7.02 -13.18
C TYR A 213 1.61 7.38 -14.51
N GLN A 214 2.90 7.74 -14.52
CA GLN A 214 3.56 8.14 -15.77
C GLN A 214 4.40 7.04 -16.42
N LYS A 215 5.11 6.26 -15.60
CA LYS A 215 6.07 5.27 -16.09
C LYS A 215 5.44 4.22 -17.00
N SER A 216 6.05 4.02 -18.17
CA SER A 216 5.55 3.07 -19.14
C SER A 216 6.05 1.65 -18.85
N PHE A 217 5.14 0.76 -18.49
CA PHE A 217 5.46 -0.65 -18.26
C PHE A 217 5.01 -1.51 -19.45
N PRO A 218 5.97 -2.12 -20.15
CA PRO A 218 5.67 -2.98 -21.32
C PRO A 218 4.81 -4.21 -20.97
N GLN A 219 4.97 -4.72 -19.75
CA GLN A 219 4.19 -5.86 -19.28
C GLN A 219 2.70 -5.52 -19.08
N ALA A 220 2.39 -4.22 -19.11
CA ALA A 220 1.01 -3.75 -18.99
C ALA A 220 0.51 -3.12 -20.30
N GLY A 221 1.33 -3.23 -21.35
CA GLY A 221 0.96 -2.73 -22.67
C GLY A 221 0.90 -1.21 -22.80
N HIS A 222 1.68 -0.52 -21.97
CA HIS A 222 1.71 0.94 -21.97
C HIS A 222 2.42 1.49 -23.20
N GLU A 223 1.85 2.54 -23.76
CA GLU A 223 2.43 3.25 -24.90
C GLU A 223 2.28 4.76 -24.71
N TYR A 224 2.74 5.53 -25.69
CA TYR A 224 2.75 6.99 -25.58
C TYR A 224 1.35 7.56 -25.30
N SER A 225 0.34 7.01 -25.98
CA SER A 225 -1.03 7.53 -25.91
C SER A 225 -1.85 6.98 -24.72
N THR A 226 -1.28 6.03 -23.98
CA THR A 226 -1.96 5.44 -22.83
C THR A 226 -2.29 6.51 -21.79
N PRO A 227 -3.58 6.70 -21.47
CA PRO A 227 -4.00 7.82 -20.60
C PRO A 227 -3.64 7.63 -19.12
N ILE A 228 -3.43 6.38 -18.71
CA ILE A 228 -2.97 6.07 -17.35
C ILE A 228 -1.88 5.01 -17.42
N LYS A 229 -0.73 5.30 -16.81
CA LYS A 229 0.39 4.37 -16.82
C LYS A 229 0.86 4.12 -15.37
N GLY A 230 2.13 3.76 -15.18
CA GLY A 230 2.72 3.60 -13.85
C GLY A 230 2.12 2.50 -13.01
N ASN A 231 2.44 2.53 -11.71
CA ASN A 231 1.95 1.55 -10.75
C ASN A 231 0.41 1.50 -10.69
N TYR A 232 -0.20 2.69 -10.75
CA TYR A 232 -1.64 2.83 -10.63
C TYR A 232 -2.40 2.10 -11.74
N ALA A 233 -1.96 2.26 -12.98
CA ALA A 233 -2.60 1.56 -14.11
C ALA A 233 -2.47 0.05 -13.93
N MET A 234 -1.34 -0.39 -13.38
CA MET A 234 -1.11 -1.80 -13.14
C MET A 234 -2.00 -2.33 -12.01
N LEU A 235 -2.19 -1.52 -10.97
CA LEU A 235 -3.08 -1.87 -9.86
C LEU A 235 -4.55 -1.93 -10.31
N MET A 236 -4.93 -1.02 -11.21
CA MET A 236 -6.26 -1.04 -11.83
C MET A 236 -6.51 -2.35 -12.59
N ALA A 237 -5.50 -2.79 -13.34
CA ALA A 237 -5.57 -4.03 -14.11
C ALA A 237 -5.61 -5.24 -13.18
N LEU A 238 -4.93 -5.10 -12.04
CA LEU A 238 -4.88 -6.13 -11.02
C LEU A 238 -6.26 -6.35 -10.42
N LYS A 239 -6.99 -5.26 -10.23
CA LYS A 239 -8.38 -5.33 -9.74
C LYS A 239 -9.28 -6.10 -10.70
N GLN A 240 -8.98 -6.01 -11.99
CA GLN A 240 -9.73 -6.74 -13.02
C GLN A 240 -9.42 -8.23 -12.99
N ARG A 241 -8.18 -8.56 -12.64
CA ARG A 241 -7.71 -9.94 -12.55
C ARG A 241 -8.23 -10.62 -11.28
N ASN A 242 -8.14 -9.92 -10.15
CA ASN A 242 -8.58 -10.43 -8.85
C ASN A 242 -9.64 -9.50 -8.23
N PRO A 243 -10.91 -9.69 -8.59
CA PRO A 243 -11.97 -8.75 -8.18
C PRO A 243 -12.24 -8.67 -6.67
N ASP A 244 -11.86 -9.71 -5.92
CA ASP A 244 -12.08 -9.76 -4.47
C ASP A 244 -10.94 -9.11 -3.68
N LEU A 245 -9.83 -8.84 -4.37
CA LEU A 245 -8.66 -8.20 -3.76
C LEU A 245 -8.98 -6.78 -3.29
N LYS A 246 -8.45 -6.43 -2.12
CA LYS A 246 -8.57 -5.07 -1.59
C LYS A 246 -7.25 -4.34 -1.78
N ILE A 247 -7.31 -3.18 -2.42
CA ILE A 247 -6.14 -2.32 -2.57
C ILE A 247 -6.44 -1.01 -1.86
N ILE A 248 -5.60 -0.67 -0.88
CA ILE A 248 -5.87 0.44 0.02
C ILE A 248 -4.65 1.37 0.11
N PRO A 249 -4.86 2.69 -0.05
CA PRO A 249 -3.72 3.61 0.04
C PRO A 249 -3.35 3.82 1.50
N SER A 250 -2.05 3.72 1.80
CA SER A 250 -1.55 3.98 3.14
C SER A 250 -1.08 5.42 3.22
N ILE A 251 -1.76 6.20 4.08
CA ILE A 251 -1.44 7.60 4.25
C ILE A 251 -0.49 7.78 5.44
N GLY A 252 0.65 8.42 5.18
CA GLY A 252 1.63 8.69 6.23
C GLY A 252 2.85 7.79 6.18
N GLY A 253 3.06 7.02 7.25
CA GLY A 253 4.28 6.24 7.41
C GLY A 253 5.29 7.03 8.24
N TRP A 254 6.46 6.44 8.47
CA TRP A 254 7.48 7.04 9.34
C TRP A 254 7.86 8.47 8.97
N THR A 255 8.10 8.70 7.68
CA THR A 255 8.65 9.98 7.23
C THR A 255 7.58 11.02 6.91
N LEU A 256 6.33 10.56 6.74
CA LEU A 256 5.25 11.44 6.27
C LEU A 256 4.12 11.63 7.30
N SER A 257 4.44 11.43 8.57
CA SER A 257 3.45 11.56 9.65
C SER A 257 3.33 12.96 10.26
N ASP A 258 4.25 13.87 9.93
CA ASP A 258 4.30 15.18 10.59
C ASP A 258 2.95 15.95 10.60
N PRO A 259 2.25 16.01 9.45
CA PRO A 259 0.97 16.74 9.42
C PRO A 259 -0.11 16.21 10.38
N PHE A 260 -0.06 14.91 10.70
CA PHE A 260 -1.05 14.30 11.59
C PHE A 260 -1.14 15.01 12.95
N TYR A 261 -0.01 15.51 13.44
CA TYR A 261 0.03 16.16 14.75
C TYR A 261 -0.83 17.43 14.81
N ASP A 262 -1.20 17.96 13.65
CA ASP A 262 -2.07 19.13 13.58
C ASP A 262 -3.56 18.78 13.47
N PHE A 263 -3.87 17.49 13.61
CA PHE A 263 -5.25 17.01 13.53
C PHE A 263 -6.03 17.22 14.84
N VAL A 264 -5.35 17.78 15.84
CA VAL A 264 -5.99 18.21 17.09
C VAL A 264 -7.03 19.30 16.79
N ASP A 265 -6.77 20.09 15.75
CA ASP A 265 -7.71 21.07 15.23
C ASP A 265 -8.61 20.40 14.19
N LYS A 266 -9.90 20.30 14.50
CA LYS A 266 -10.88 19.64 13.63
C LYS A 266 -10.93 20.21 12.21
N LYS A 267 -10.69 21.52 12.06
CA LYS A 267 -10.67 22.16 10.75
C LYS A 267 -9.69 21.47 9.80
N ASN A 268 -8.55 21.06 10.35
CA ASN A 268 -7.53 20.33 9.60
C ASN A 268 -7.96 18.91 9.23
N ARG A 269 -8.66 18.26 10.16
CA ARG A 269 -9.26 16.95 9.87
C ARG A 269 -10.29 17.07 8.76
N ASP A 270 -11.14 18.10 8.83
CA ASP A 270 -12.16 18.36 7.81
C ASP A 270 -11.53 18.45 6.41
N THR A 271 -10.45 19.23 6.31
CA THR A 271 -9.73 19.43 5.05
C THR A 271 -9.15 18.10 4.52
N PHE A 272 -8.54 17.34 5.43
CA PHE A 272 -7.98 16.03 5.10
C PHE A 272 -9.04 15.04 4.62
N VAL A 273 -10.11 14.90 5.41
CA VAL A 273 -11.18 13.97 5.11
C VAL A 273 -11.82 14.26 3.75
N ALA A 274 -12.05 15.54 3.46
CA ALA A 274 -12.60 15.96 2.17
C ALA A 274 -11.65 15.62 1.02
N SER A 275 -10.35 15.81 1.25
CA SER A 275 -9.34 15.50 0.23
C SER A 275 -9.25 14.00 -0.05
N VAL A 276 -9.45 13.19 0.99
CA VAL A 276 -9.43 11.73 0.85
C VAL A 276 -10.63 11.26 0.03
N LYS A 277 -11.79 11.86 0.26
CA LYS A 277 -12.99 11.55 -0.53
C LYS A 277 -12.73 11.84 -2.01
N LYS A 278 -12.17 13.01 -2.28
CA LYS A 278 -11.79 13.42 -3.64
C LYS A 278 -10.81 12.42 -4.25
N PHE A 279 -9.84 12.00 -3.44
CA PHE A 279 -8.81 11.05 -3.86
C PHE A 279 -9.41 9.70 -4.26
N LEU A 280 -10.36 9.22 -3.45
CA LEU A 280 -11.01 7.93 -3.71
C LEU A 280 -11.98 7.96 -4.89
N LYS A 281 -12.55 9.14 -5.16
CA LYS A 281 -13.39 9.33 -6.35
C LYS A 281 -12.54 9.42 -7.61
N THR A 282 -11.35 10.02 -7.49
CA THR A 282 -10.42 10.17 -8.59
C THR A 282 -9.75 8.83 -8.93
N TRP A 283 -9.38 8.09 -7.89
CA TRP A 283 -8.67 6.82 -8.06
C TRP A 283 -9.56 5.66 -7.59
N LYS A 284 -10.40 5.16 -8.50
CA LYS A 284 -11.48 4.25 -8.16
C LYS A 284 -11.07 2.83 -7.79
N PHE A 285 -9.85 2.44 -8.17
CA PHE A 285 -9.32 1.11 -7.84
C PHE A 285 -9.07 0.92 -6.33
N TYR A 286 -8.93 2.04 -5.61
CA TYR A 286 -8.71 2.00 -4.16
C TYR A 286 -10.01 1.66 -3.41
N ASP A 287 -9.90 0.78 -2.42
CA ASP A 287 -11.06 0.21 -1.71
C ASP A 287 -11.28 0.76 -0.30
N GLY A 288 -10.61 1.85 0.03
CA GLY A 288 -10.74 2.47 1.34
C GLY A 288 -9.55 3.33 1.67
N VAL A 289 -9.26 3.48 2.96
CA VAL A 289 -8.12 4.27 3.40
C VAL A 289 -7.44 3.65 4.62
N ASP A 290 -6.11 3.67 4.61
CA ASP A 290 -5.31 3.18 5.72
C ASP A 290 -4.52 4.35 6.30
N ILE A 291 -4.65 4.56 7.62
CA ILE A 291 -4.00 5.68 8.30
C ILE A 291 -2.78 5.20 9.08
N ASP A 292 -1.59 5.63 8.64
CA ASP A 292 -0.34 5.20 9.26
C ASP A 292 0.36 6.36 9.98
N TRP A 293 -0.22 6.76 11.09
CA TRP A 293 0.31 7.85 11.91
C TRP A 293 1.31 7.27 12.91
N MET A 294 2.57 7.65 12.76
CA MET A 294 3.62 7.26 13.70
C MET A 294 4.15 8.50 14.39
N PHE A 295 3.71 8.79 15.62
CA PHE A 295 2.66 8.05 16.35
C PHE A 295 1.85 9.08 17.13
N PRO A 296 0.56 8.79 17.40
CA PRO A 296 -0.14 9.62 18.39
C PRO A 296 0.63 9.66 19.71
N GLY A 297 0.81 10.86 20.25
CA GLY A 297 1.56 11.04 21.50
C GLY A 297 3.05 11.27 21.30
N GLY A 298 3.53 11.05 20.08
CA GLY A 298 4.94 11.25 19.75
C GLY A 298 5.79 10.00 19.74
N GLY A 299 7.10 10.19 19.62
CA GLY A 299 8.05 9.08 19.54
C GLY A 299 8.34 8.66 18.11
N GLY A 300 7.88 9.46 17.15
CA GLY A 300 8.11 9.22 15.73
C GLY A 300 9.35 9.94 15.21
N ALA A 301 9.37 10.19 13.91
CA ALA A 301 10.51 10.85 13.26
C ALA A 301 10.75 12.28 13.77
N ALA A 302 9.67 13.00 14.07
CA ALA A 302 9.75 14.35 14.59
C ALA A 302 9.83 14.34 16.12
N ALA A 303 11.02 14.64 16.64
CA ALA A 303 11.26 14.62 18.08
C ALA A 303 10.51 15.75 18.81
N ASP A 304 10.16 16.80 18.08
CA ASP A 304 9.53 18.00 18.65
C ASP A 304 8.00 17.95 18.63
N LYS A 305 7.45 16.79 18.24
CA LYS A 305 6.00 16.65 18.10
C LYS A 305 5.45 15.50 18.92
N GLY A 306 4.15 15.59 19.23
CA GLY A 306 3.48 14.60 20.05
C GLY A 306 2.76 15.24 21.21
N ASP A 307 1.47 14.91 21.33
CA ASP A 307 0.61 15.47 22.38
C ASP A 307 -0.18 14.32 23.01
N PRO A 308 0.32 13.78 24.14
CA PRO A 308 -0.31 12.63 24.81
C PRO A 308 -1.75 12.90 25.30
N VAL A 309 -2.12 14.16 25.47
CA VAL A 309 -3.48 14.50 25.88
C VAL A 309 -4.45 14.46 24.70
N ASN A 310 -4.07 15.09 23.60
CA ASN A 310 -4.98 15.37 22.50
C ASN A 310 -4.87 14.49 21.26
N ASP A 311 -3.73 13.83 21.07
CA ASP A 311 -3.49 13.04 19.85
C ASP A 311 -4.45 11.86 19.71
N GLY A 312 -4.61 11.09 20.79
CA GLY A 312 -5.51 9.94 20.81
C GLY A 312 -6.95 10.30 20.50
N PRO A 313 -7.52 11.27 21.24
CA PRO A 313 -8.85 11.80 20.91
C PRO A 313 -8.98 12.28 19.46
N ALA A 314 -7.93 12.91 18.92
CA ALA A 314 -7.92 13.34 17.51
C ALA A 314 -7.95 12.15 16.56
N TYR A 315 -7.19 11.12 16.89
CA TYR A 315 -7.13 9.87 16.12
C TYR A 315 -8.51 9.22 16.07
N ILE A 316 -9.16 9.11 17.23
CA ILE A 316 -10.52 8.57 17.31
C ILE A 316 -11.49 9.41 16.48
N ALA A 317 -11.43 10.73 16.65
CA ALA A 317 -12.30 11.66 15.90
C ALA A 317 -12.08 11.50 14.39
N LEU A 318 -10.81 11.39 13.99
CA LEU A 318 -10.47 11.17 12.59
C LEU A 318 -11.13 9.91 12.02
N MET A 319 -11.06 8.82 12.78
CA MET A 319 -11.68 7.55 12.37
C MET A 319 -13.19 7.68 12.22
N ARG A 320 -13.83 8.32 13.20
CA ARG A 320 -15.27 8.57 13.16
C ARG A 320 -15.63 9.38 11.91
N GLU A 321 -14.86 10.44 11.66
CA GLU A 321 -15.09 11.34 10.53
C GLU A 321 -14.80 10.68 9.19
N LEU A 322 -13.73 9.90 9.11
CA LEU A 322 -13.44 9.11 7.92
C LEU A 322 -14.54 8.09 7.61
N ARG A 323 -15.09 7.48 8.67
CA ARG A 323 -16.16 6.49 8.50
C ARG A 323 -17.43 7.15 7.96
N VAL A 324 -17.77 8.33 8.46
CA VAL A 324 -18.90 9.10 7.93
C VAL A 324 -18.69 9.38 6.43
N MET A 325 -17.49 9.83 6.08
CA MET A 325 -17.13 10.11 4.70
C MET A 325 -17.24 8.86 3.81
N LEU A 326 -16.72 7.74 4.31
CA LEU A 326 -16.74 6.50 3.55
C LEU A 326 -18.17 5.97 3.37
N ASP A 327 -19.01 6.21 4.38
CA ASP A 327 -20.44 5.89 4.29
C ASP A 327 -21.11 6.68 3.15
N GLU A 328 -20.73 7.95 3.00
CA GLU A 328 -21.19 8.78 1.89
C GLU A 328 -20.82 8.15 0.55
N LEU A 329 -19.57 7.72 0.42
CA LEU A 329 -19.11 7.06 -0.80
C LEU A 329 -19.84 5.76 -1.07
N GLU A 330 -20.12 5.01 -0.01
CA GLU A 330 -20.87 3.76 -0.12
C GLU A 330 -22.30 4.01 -0.65
N ALA A 331 -22.93 5.06 -0.14
CA ALA A 331 -24.27 5.46 -0.60
C ALA A 331 -24.27 5.90 -2.07
N GLU A 332 -23.20 6.60 -2.47
CA GLU A 332 -23.09 7.15 -3.82
C GLU A 332 -22.73 6.10 -4.88
N THR A 333 -22.01 5.06 -4.48
CA THR A 333 -21.44 4.10 -5.42
C THR A 333 -21.97 2.67 -5.29
N GLY A 334 -22.55 2.35 -4.14
CA GLY A 334 -23.03 0.99 -3.85
C GLY A 334 -21.91 0.04 -3.47
N ARG A 335 -20.70 0.57 -3.38
CA ARG A 335 -19.52 -0.21 -3.02
C ARG A 335 -19.35 -0.29 -1.50
N THR A 336 -18.46 -1.17 -1.06
CA THR A 336 -18.07 -1.26 0.35
C THR A 336 -16.65 -0.74 0.49
N TYR A 337 -16.46 0.20 1.41
CA TYR A 337 -15.14 0.77 1.69
C TYR A 337 -14.63 0.36 3.06
N GLU A 338 -13.31 0.13 3.14
CA GLU A 338 -12.68 -0.26 4.41
C GLU A 338 -11.87 0.87 5.02
N LEU A 339 -11.88 0.94 6.34
CA LEU A 339 -11.08 1.91 7.08
C LEU A 339 -10.13 1.14 8.01
N THR A 340 -8.83 1.37 7.83
CA THR A 340 -7.81 0.65 8.58
C THR A 340 -6.72 1.59 9.07
N SER A 341 -5.83 1.06 9.91
CA SER A 341 -4.67 1.79 10.41
C SER A 341 -3.57 0.82 10.79
N ALA A 342 -2.34 1.15 10.41
CA ALA A 342 -1.17 0.46 10.96
C ALA A 342 -0.70 1.23 12.18
N ILE A 343 -0.50 0.51 13.28
CA ILE A 343 -0.17 1.16 14.56
C ILE A 343 1.06 0.57 15.24
N GLY A 344 1.76 1.40 16.00
CA GLY A 344 2.87 0.92 16.83
C GLY A 344 2.32 0.00 17.91
N VAL A 345 3.13 -0.97 18.34
CA VAL A 345 2.69 -1.88 19.40
C VAL A 345 3.52 -1.80 20.68
N GLY A 346 4.43 -0.82 20.73
CA GLY A 346 5.13 -0.51 21.97
C GLY A 346 4.13 -0.01 22.99
N TYR A 347 4.28 -0.42 24.25
CA TYR A 347 3.34 -0.02 25.31
C TYR A 347 3.19 1.50 25.33
N ASP A 348 4.28 2.20 25.04
CA ASP A 348 4.32 3.66 25.12
C ASP A 348 3.65 4.33 23.92
N LYS A 349 3.31 3.54 22.92
CA LYS A 349 2.56 4.05 21.77
C LYS A 349 1.08 3.70 21.94
N ILE A 350 0.81 2.44 22.31
CA ILE A 350 -0.57 1.96 22.52
C ILE A 350 -1.32 2.77 23.58
N GLU A 351 -0.60 3.16 24.65
CA GLU A 351 -1.22 3.85 25.78
C GLU A 351 -1.82 5.22 25.44
N ASP A 352 -1.40 5.79 24.31
CA ASP A 352 -1.82 7.13 23.94
C ASP A 352 -3.15 7.20 23.19
N VAL A 353 -3.72 6.03 22.85
CA VAL A 353 -5.00 5.96 22.15
C VAL A 353 -5.96 4.99 22.82
N ASP A 354 -7.22 5.40 22.96
CA ASP A 354 -8.28 4.47 23.33
C ASP A 354 -8.74 3.77 22.05
N TYR A 355 -8.08 2.67 21.71
CA TYR A 355 -8.41 1.91 20.50
C TYR A 355 -9.76 1.22 20.55
N ALA A 356 -10.28 0.95 21.75
CA ALA A 356 -11.63 0.39 21.88
C ALA A 356 -12.65 1.35 21.29
N ASP A 357 -12.43 2.65 21.53
CA ASP A 357 -13.24 3.72 20.97
C ASP A 357 -12.99 3.83 19.45
N ALA A 358 -11.72 3.93 19.05
CA ALA A 358 -11.37 4.10 17.65
C ALA A 358 -11.86 2.95 16.76
N VAL A 359 -11.67 1.72 17.22
CA VAL A 359 -11.90 0.53 16.39
C VAL A 359 -13.37 0.27 16.01
N GLN A 360 -14.30 0.93 16.70
CA GLN A 360 -15.72 0.78 16.37
C GLN A 360 -16.05 1.31 14.97
N TYR A 361 -15.18 2.19 14.46
CA TYR A 361 -15.35 2.79 13.15
C TYR A 361 -14.50 2.09 12.10
N MET A 362 -13.69 1.15 12.54
CA MET A 362 -12.64 0.56 11.71
C MET A 362 -12.88 -0.91 11.36
N ASP A 363 -12.35 -1.33 10.22
CA ASP A 363 -12.42 -2.74 9.81
C ASP A 363 -11.26 -3.53 10.40
N TYR A 364 -10.06 -2.97 10.32
CA TYR A 364 -8.85 -3.65 10.79
C TYR A 364 -7.83 -2.70 11.40
N ILE A 365 -7.11 -3.22 12.39
CA ILE A 365 -5.90 -2.59 12.89
C ILE A 365 -4.73 -3.49 12.48
N PHE A 366 -3.80 -2.94 11.71
CA PHE A 366 -2.58 -3.65 11.36
C PHE A 366 -1.52 -3.40 12.43
N ALA A 367 -1.37 -4.38 13.32
CA ALA A 367 -0.47 -4.25 14.46
C ALA A 367 0.97 -4.44 14.00
N MET A 368 1.75 -3.35 14.06
CA MET A 368 3.13 -3.37 13.56
C MET A 368 4.05 -4.05 14.55
N THR A 369 3.95 -5.37 14.59
CA THR A 369 4.67 -6.22 15.52
C THR A 369 6.06 -6.56 14.98
N TYR A 370 6.83 -5.50 14.75
CA TYR A 370 8.23 -5.57 14.35
C TYR A 370 8.92 -4.27 14.76
N ASP A 371 10.21 -4.14 14.45
CA ASP A 371 11.01 -2.98 14.85
C ASP A 371 11.13 -2.84 16.38
N PHE A 372 11.14 -3.98 17.09
CA PHE A 372 11.27 -3.99 18.55
C PHE A 372 12.68 -3.63 18.99
N TYR A 373 13.65 -4.07 18.20
CA TYR A 373 15.07 -3.79 18.42
C TYR A 373 15.68 -3.50 17.06
N GLY A 374 16.78 -2.77 17.03
CA GLY A 374 17.40 -2.42 15.76
C GLY A 374 18.67 -1.60 15.86
N GLY A 375 19.18 -1.21 14.70
CA GLY A 375 20.48 -0.53 14.58
C GLY A 375 20.53 0.89 15.09
N TRP A 376 19.38 1.44 15.50
CA TRP A 376 19.33 2.79 16.07
C TRP A 376 20.14 2.91 17.38
N ASN A 377 20.38 1.78 18.01
CA ASN A 377 21.34 1.67 19.11
C ASN A 377 22.17 0.40 19.00
N ASN A 378 22.99 0.11 20.01
CA ASN A 378 23.89 -1.04 19.97
C ASN A 378 23.44 -2.22 20.84
N VAL A 379 22.14 -2.25 21.14
CA VAL A 379 21.56 -3.30 21.97
C VAL A 379 20.86 -4.36 21.09
N PRO A 380 21.43 -5.58 21.05
CA PRO A 380 20.79 -6.69 20.33
C PRO A 380 19.47 -7.11 20.96
N GLY A 381 18.60 -7.68 20.14
CA GLY A 381 17.30 -8.19 20.58
C GLY A 381 16.51 -8.67 19.39
N HIS A 382 15.44 -9.41 19.65
CA HIS A 382 14.59 -9.92 18.57
C HIS A 382 13.67 -8.81 18.10
N GLN A 383 13.76 -8.46 16.82
CA GLN A 383 13.02 -7.30 16.30
C GLN A 383 11.53 -7.56 16.08
N THR A 384 11.14 -8.84 15.97
CA THR A 384 9.77 -9.18 15.60
C THR A 384 9.24 -10.43 16.33
N ALA A 385 9.83 -10.73 17.47
CA ALA A 385 9.51 -11.93 18.25
C ALA A 385 8.07 -11.94 18.76
N LEU A 386 7.50 -13.13 18.85
CA LEU A 386 6.19 -13.31 19.43
C LEU A 386 6.24 -13.08 20.94
N TYR A 387 7.26 -13.65 21.59
CA TYR A 387 7.36 -13.60 23.05
C TYR A 387 8.70 -13.02 23.53
N CYS A 388 8.84 -12.89 24.84
CA CYS A 388 10.07 -12.40 25.45
C CYS A 388 11.19 -13.41 25.35
N GLY A 389 12.32 -12.97 24.79
CA GLY A 389 13.46 -13.84 24.55
C GLY A 389 14.24 -14.20 25.79
N SER A 390 15.07 -15.23 25.66
CA SER A 390 15.96 -15.69 26.72
C SER A 390 16.92 -14.61 27.21
N PHE A 391 17.27 -13.68 26.33
CA PHE A 391 18.20 -12.58 26.63
C PHE A 391 17.63 -11.58 27.65
N MET A 392 16.31 -11.58 27.81
CA MET A 392 15.67 -10.66 28.73
C MET A 392 15.89 -11.06 30.19
N ARG A 393 16.03 -10.06 31.05
CA ARG A 393 16.22 -10.25 32.48
C ARG A 393 14.91 -10.65 33.13
N PRO A 394 14.96 -11.41 34.25
CA PRO A 394 13.72 -11.67 34.99
C PRO A 394 13.04 -10.34 35.33
N GLY A 395 11.74 -10.25 35.05
CA GLY A 395 10.98 -9.03 35.28
C GLY A 395 10.96 -8.04 34.14
N GLN A 396 11.82 -8.24 33.15
CA GLN A 396 11.85 -7.35 31.98
C GLN A 396 10.62 -7.54 31.09
N CYS A 397 10.20 -8.79 30.91
CA CYS A 397 9.10 -9.12 30.01
C CYS A 397 7.84 -8.34 30.34
N ASP A 398 7.38 -8.48 31.58
CA ASP A 398 6.17 -7.80 32.07
C ASP A 398 6.44 -6.34 32.43
N GLY A 399 7.70 -6.00 32.69
CA GLY A 399 8.10 -4.63 33.01
C GLY A 399 8.15 -4.31 34.49
N GLY A 400 7.99 -5.32 35.33
CA GLY A 400 7.99 -5.14 36.78
C GLY A 400 9.35 -5.30 37.43
N GLY A 401 10.36 -5.63 36.63
CA GLY A 401 11.72 -5.81 37.12
C GLY A 401 12.59 -4.56 37.00
N VAL A 402 13.90 -4.79 37.02
CA VAL A 402 14.88 -3.71 37.04
C VAL A 402 15.98 -3.98 36.00
N ASP A 403 16.51 -2.92 35.39
CA ASP A 403 17.59 -3.04 34.38
C ASP A 403 18.99 -3.12 35.01
N GLU A 404 20.01 -2.85 34.19
CA GLU A 404 21.42 -2.91 34.62
C GLU A 404 21.76 -1.85 35.67
N ASN A 405 21.24 -0.64 35.49
CA ASN A 405 21.53 0.48 36.38
C ASN A 405 20.70 0.50 37.68
N GLY A 406 19.85 -0.50 37.86
CA GLY A 406 18.96 -0.56 39.02
C GLY A 406 17.65 0.17 38.79
N GLU A 407 17.50 0.75 37.60
CA GLU A 407 16.31 1.51 37.24
C GLU A 407 15.18 0.58 36.77
N PRO A 408 13.98 0.75 37.34
CA PRO A 408 12.84 -0.08 36.97
C PRO A 408 12.50 0.09 35.48
N TYR A 409 12.00 -0.98 34.86
CA TYR A 409 11.46 -0.88 33.51
C TYR A 409 10.18 -0.06 33.59
N LYS A 410 9.92 0.71 32.54
CA LYS A 410 8.79 1.65 32.53
C LYS A 410 7.54 1.04 31.90
N GLY A 411 7.68 -0.15 31.33
CA GLY A 411 6.56 -0.88 30.75
C GLY A 411 6.99 -2.25 30.23
N PRO A 412 6.02 -3.07 29.80
CA PRO A 412 6.34 -4.40 29.27
C PRO A 412 7.30 -4.31 28.09
N ALA A 413 8.12 -5.34 27.93
CA ALA A 413 9.12 -5.39 26.87
C ALA A 413 8.46 -5.36 25.48
N TYR A 414 9.23 -4.92 24.48
CA TYR A 414 8.72 -4.87 23.11
C TYR A 414 8.67 -6.27 22.50
N THR A 415 7.49 -6.88 22.53
CA THR A 415 7.21 -8.14 21.84
C THR A 415 5.84 -8.09 21.18
N ALA A 416 5.57 -9.01 20.26
CA ALA A 416 4.27 -9.08 19.58
C ALA A 416 3.14 -9.36 20.56
N ASP A 417 3.30 -10.39 21.38
CA ASP A 417 2.27 -10.77 22.35
C ASP A 417 1.99 -9.66 23.37
N ASN A 418 3.03 -8.98 23.84
CA ASN A 418 2.83 -7.86 24.77
C ASN A 418 1.94 -6.78 24.15
N GLY A 419 2.23 -6.43 22.89
CA GLY A 419 1.41 -5.46 22.15
C GLY A 419 -0.03 -5.91 21.94
N ILE A 420 -0.19 -7.14 21.46
CA ILE A 420 -1.53 -7.71 21.23
C ILE A 420 -2.33 -7.74 22.53
N GLN A 421 -1.72 -8.20 23.61
CA GLN A 421 -2.40 -8.27 24.90
C GLN A 421 -2.83 -6.90 25.42
N LEU A 422 -1.99 -5.89 25.22
CA LEU A 422 -2.35 -4.51 25.60
C LEU A 422 -3.56 -4.01 24.82
N LEU A 423 -3.63 -4.33 23.53
CA LEU A 423 -4.77 -3.94 22.70
C LEU A 423 -6.03 -4.66 23.14
N LEU A 424 -5.93 -5.97 23.37
CA LEU A 424 -7.04 -6.76 23.89
C LEU A 424 -7.52 -6.22 25.25
N ALA A 425 -6.57 -5.84 26.10
CA ALA A 425 -6.88 -5.28 27.42
C ALA A 425 -7.68 -3.96 27.38
N GLN A 426 -7.54 -3.23 26.28
CA GLN A 426 -8.32 -2.00 26.07
C GLN A 426 -9.77 -2.29 25.71
N GLY A 427 -10.02 -3.49 25.18
CA GLY A 427 -11.35 -3.87 24.72
C GLY A 427 -11.47 -4.01 23.21
N VAL A 428 -10.33 -3.96 22.52
CA VAL A 428 -10.30 -4.17 21.07
C VAL A 428 -10.60 -5.64 20.79
N PRO A 429 -11.58 -5.92 19.90
CA PRO A 429 -11.85 -7.32 19.55
C PRO A 429 -10.71 -7.95 18.77
N ALA A 430 -10.39 -9.20 19.10
CA ALA A 430 -9.31 -9.94 18.42
C ALA A 430 -9.53 -10.04 16.90
N ASN A 431 -10.78 -10.18 16.47
CA ASN A 431 -11.11 -10.37 15.06
C ASN A 431 -10.94 -9.12 14.18
N LYS A 432 -10.47 -8.02 14.78
CA LYS A 432 -10.11 -6.82 14.01
C LYS A 432 -8.61 -6.58 14.03
N LEU A 433 -7.88 -7.38 14.79
CA LEU A 433 -6.42 -7.26 14.89
C LEU A 433 -5.72 -8.13 13.85
N VAL A 434 -4.80 -7.51 13.11
CA VAL A 434 -4.00 -8.22 12.13
C VAL A 434 -2.55 -8.23 12.60
N LEU A 435 -1.96 -9.43 12.67
CA LEU A 435 -0.62 -9.60 13.22
C LEU A 435 0.48 -9.38 12.17
N GLY A 436 1.49 -8.60 12.53
CA GLY A 436 2.58 -8.24 11.62
C GLY A 436 3.72 -9.24 11.54
N THR A 437 4.09 -9.56 10.31
CA THR A 437 5.24 -10.40 10.01
C THR A 437 6.27 -9.57 9.25
N ALA A 438 7.55 -9.81 9.53
CA ALA A 438 8.62 -9.05 8.88
C ALA A 438 9.21 -9.80 7.69
N MET A 439 9.34 -9.11 6.56
CA MET A 439 10.03 -9.65 5.40
C MET A 439 11.42 -9.03 5.28
N TYR A 440 11.96 -8.63 6.43
CA TYR A 440 13.26 -7.98 6.51
C TYR A 440 13.89 -8.25 7.86
N GLY A 441 15.20 -8.16 7.91
CA GLY A 441 15.93 -8.22 9.17
C GLY A 441 16.45 -6.86 9.58
N ARG A 442 16.68 -6.70 10.87
CA ARG A 442 17.48 -5.60 11.37
C ARG A 442 18.78 -6.20 11.92
N GLY A 443 19.85 -5.42 11.90
CA GLY A 443 21.16 -5.99 12.19
C GLY A 443 22.24 -5.06 12.68
N TRP A 444 23.25 -5.68 13.29
CA TRP A 444 24.40 -5.00 13.87
C TRP A 444 25.67 -5.67 13.39
N GLU A 445 26.80 -5.01 13.64
CA GLU A 445 28.11 -5.66 13.55
C GLU A 445 28.87 -5.46 14.87
N GLY A 446 29.91 -6.26 15.08
CA GLY A 446 30.74 -6.14 16.28
C GLY A 446 30.19 -6.83 17.52
N VAL A 447 29.16 -7.65 17.34
CA VAL A 447 28.65 -8.49 18.42
C VAL A 447 29.46 -9.77 18.45
N THR A 448 30.72 -9.63 18.86
CA THR A 448 31.66 -10.74 18.90
C THR A 448 31.48 -11.53 20.19
N PRO A 449 31.88 -12.82 20.22
CA PRO A 449 31.65 -13.69 21.38
C PRO A 449 32.06 -13.11 22.74
N ASP A 450 33.10 -12.30 22.77
CA ASP A 450 33.60 -11.69 24.02
C ASP A 450 32.64 -10.68 24.64
N THR A 451 31.73 -10.12 23.84
CA THR A 451 30.77 -9.13 24.32
C THR A 451 29.57 -9.79 25.00
N LEU A 452 29.41 -11.09 24.79
CA LEU A 452 28.25 -11.85 25.28
C LEU A 452 28.38 -12.21 26.75
N THR A 453 27.28 -12.02 27.49
CA THR A 453 27.20 -12.48 28.88
C THR A 453 26.80 -13.96 28.92
N ASP A 454 26.02 -14.36 27.94
CA ASP A 454 25.70 -15.77 27.70
C ASP A 454 26.31 -16.17 26.35
N PRO A 455 27.42 -16.92 26.37
CA PRO A 455 28.29 -17.20 25.22
C PRO A 455 27.62 -17.85 24.01
N ASN A 456 26.51 -18.55 24.23
CA ASN A 456 25.75 -19.11 23.11
C ASN A 456 24.38 -18.45 22.91
N ASP A 457 24.27 -17.20 23.32
CA ASP A 457 23.16 -16.34 22.92
C ASP A 457 23.69 -14.95 22.55
N PRO A 458 23.85 -14.71 21.24
CA PRO A 458 24.35 -13.43 20.71
C PRO A 458 23.47 -12.24 21.07
N MET A 459 22.24 -12.50 21.48
CA MET A 459 21.33 -11.44 21.91
C MET A 459 21.69 -10.87 23.29
N THR A 460 22.68 -11.48 23.93
CA THR A 460 23.20 -10.99 25.21
C THR A 460 24.49 -10.20 25.01
N GLY A 461 24.86 -9.96 23.74
CA GLY A 461 26.07 -9.23 23.40
C GLY A 461 25.87 -7.73 23.27
N THR A 462 26.86 -7.07 22.69
CA THR A 462 26.83 -5.63 22.45
C THR A 462 27.45 -5.31 21.10
N ALA A 463 26.77 -4.46 20.33
CA ALA A 463 27.21 -4.09 18.99
C ALA A 463 28.18 -2.92 18.98
N THR A 464 28.94 -2.80 17.89
CA THR A 464 29.80 -1.64 17.66
C THR A 464 29.14 -0.66 16.70
N GLY A 465 28.17 -1.16 15.93
CA GLY A 465 27.44 -0.34 14.96
C GLY A 465 26.40 -1.14 14.18
N LYS A 466 25.86 -0.52 13.14
CA LYS A 466 24.83 -1.13 12.29
C LYS A 466 25.42 -2.12 11.30
N LEU A 467 24.59 -3.07 10.87
CA LEU A 467 24.93 -3.97 9.77
C LEU A 467 25.19 -3.15 8.51
N LYS A 468 26.31 -3.41 7.85
CA LYS A 468 26.66 -2.74 6.60
C LYS A 468 26.67 -3.73 5.44
N GLY A 469 26.54 -3.21 4.22
CA GLY A 469 26.62 -4.03 3.04
C GLY A 469 26.13 -3.36 1.76
N SER A 470 25.89 -4.18 0.75
CA SER A 470 25.50 -3.70 -0.56
C SER A 470 24.01 -3.92 -0.81
N THR A 471 23.46 -3.17 -1.76
CA THR A 471 22.07 -3.37 -2.17
C THR A 471 21.88 -4.71 -2.88
N ALA A 472 22.97 -5.23 -3.44
CA ALA A 472 22.97 -6.58 -4.03
C ALA A 472 22.61 -7.64 -2.98
N GLN A 473 23.04 -7.40 -1.75
CA GLN A 473 22.73 -8.30 -0.62
C GLN A 473 21.45 -7.90 0.12
N GLY A 474 20.71 -6.94 -0.44
CA GLY A 474 19.44 -6.50 0.14
C GLY A 474 19.57 -5.45 1.25
N VAL A 475 20.75 -4.85 1.38
CA VAL A 475 20.97 -3.81 2.37
C VAL A 475 20.77 -2.44 1.70
N TRP A 476 19.59 -1.87 1.89
CA TRP A 476 19.20 -0.59 1.27
C TRP A 476 19.48 0.58 2.20
N GLU A 477 19.72 0.24 3.47
CA GLU A 477 20.02 1.20 4.52
C GLU A 477 20.78 0.43 5.59
N ASP A 478 21.79 1.06 6.19
CA ASP A 478 22.56 0.41 7.25
C ASP A 478 21.65 -0.11 8.35
N GLY A 479 21.88 -1.35 8.76
CA GLY A 479 21.13 -1.97 9.84
C GLY A 479 19.83 -2.65 9.43
N VAL A 480 19.53 -2.63 8.13
CA VAL A 480 18.31 -3.24 7.59
C VAL A 480 18.64 -4.07 6.36
N ILE A 481 18.04 -5.25 6.25
CA ILE A 481 18.32 -6.18 5.14
C ILE A 481 17.08 -6.96 4.71
N ASP A 482 16.84 -7.03 3.39
CA ASP A 482 15.74 -7.82 2.81
C ASP A 482 15.82 -9.26 3.28
N TYR A 483 14.67 -9.88 3.58
CA TYR A 483 14.69 -11.30 3.90
C TYR A 483 15.38 -12.12 2.80
N LYS A 484 15.03 -11.82 1.54
CA LYS A 484 15.61 -12.56 0.41
C LYS A 484 17.12 -12.42 0.34
N GLY A 485 17.64 -11.32 0.87
CA GLY A 485 19.08 -11.10 1.01
C GLY A 485 19.69 -12.00 2.09
N ILE A 486 19.02 -12.07 3.24
CA ILE A 486 19.44 -12.98 4.33
C ILE A 486 19.48 -14.42 3.85
N LYS A 487 18.42 -14.84 3.14
CA LYS A 487 18.33 -16.19 2.59
C LYS A 487 19.48 -16.48 1.63
N SER A 488 19.73 -15.54 0.72
CA SER A 488 20.74 -15.70 -0.34
C SER A 488 22.19 -15.64 0.16
N PHE A 489 22.44 -14.83 1.20
CA PHE A 489 23.82 -14.52 1.59
C PHE A 489 24.24 -14.91 3.01
N MET A 490 23.26 -15.27 3.85
CA MET A 490 23.57 -15.68 5.22
C MET A 490 23.05 -17.07 5.58
N LEU A 491 21.86 -17.41 5.08
CA LEU A 491 21.22 -18.69 5.41
C LEU A 491 21.66 -19.83 4.50
N GLY A 492 21.61 -19.60 3.20
CA GLY A 492 21.93 -20.64 2.22
C GLY A 492 20.75 -21.57 1.97
N ALA A 493 20.96 -22.52 1.06
CA ALA A 493 19.89 -23.42 0.59
C ALA A 493 19.18 -24.18 1.70
N ASN A 494 19.93 -24.67 2.68
CA ASN A 494 19.37 -25.49 3.77
C ASN A 494 19.29 -24.79 5.13
N ASN A 495 19.32 -23.45 5.11
CA ASN A 495 19.22 -22.63 6.32
C ASN A 495 20.23 -22.98 7.42
N THR A 496 21.39 -23.50 7.00
CA THR A 496 22.43 -23.97 7.91
C THR A 496 23.49 -22.89 8.15
N GLY A 497 23.44 -21.83 7.34
CA GLY A 497 24.36 -20.72 7.47
C GLY A 497 25.52 -20.80 6.49
N ILE A 498 25.76 -19.68 5.81
CA ILE A 498 26.85 -19.57 4.84
C ILE A 498 27.66 -18.29 5.06
N ASN A 499 28.82 -18.21 4.41
CA ASN A 499 29.68 -17.02 4.45
C ASN A 499 30.07 -16.57 5.87
N GLY A 500 30.32 -17.54 6.73
CA GLY A 500 30.73 -17.27 8.11
C GLY A 500 29.60 -17.12 9.10
N PHE A 501 28.36 -17.17 8.61
CA PHE A 501 27.17 -17.03 9.44
C PHE A 501 26.65 -18.38 9.94
N GLU A 502 26.13 -18.37 11.16
CA GLU A 502 25.43 -19.53 11.72
C GLU A 502 23.99 -19.18 12.05
N TYR A 503 23.10 -20.15 11.90
CA TYR A 503 21.69 -19.99 12.21
C TYR A 503 21.40 -20.37 13.67
N GLY A 504 20.53 -19.58 14.30
CA GLY A 504 20.05 -19.87 15.65
C GLY A 504 18.59 -19.53 15.78
N TYR A 505 17.93 -20.15 16.75
CA TYR A 505 16.51 -19.91 17.01
C TYR A 505 16.23 -19.88 18.50
N ASP A 506 15.54 -18.84 18.94
CA ASP A 506 15.09 -18.73 20.33
C ASP A 506 13.67 -19.26 20.42
N ALA A 507 13.55 -20.50 20.93
CA ALA A 507 12.25 -21.18 21.03
C ALA A 507 11.30 -20.51 22.02
N GLN A 508 11.87 -19.82 23.01
CA GLN A 508 11.08 -19.06 23.98
C GLN A 508 10.40 -17.87 23.31
N ALA A 509 11.17 -17.11 22.54
CA ALA A 509 10.68 -15.91 21.86
C ALA A 509 9.91 -16.22 20.59
N GLU A 510 10.22 -17.37 19.98
CA GLU A 510 9.82 -17.70 18.61
C GLU A 510 10.45 -16.69 17.63
N ALA A 511 11.78 -16.75 17.54
CA ALA A 511 12.55 -15.77 16.77
C ALA A 511 13.88 -16.35 16.29
N PRO A 512 14.14 -16.25 14.98
CA PRO A 512 15.40 -16.68 14.40
C PRO A 512 16.46 -15.58 14.36
N TRP A 513 17.71 -16.00 14.22
CA TRP A 513 18.80 -15.08 13.93
C TRP A 513 19.90 -15.76 13.13
N VAL A 514 20.70 -14.94 12.45
CA VAL A 514 21.97 -15.40 11.89
C VAL A 514 23.11 -14.60 12.52
N TRP A 515 24.20 -15.29 12.84
CA TRP A 515 25.30 -14.67 13.55
C TRP A 515 26.64 -15.09 12.95
N ASN A 516 27.43 -14.10 12.57
CA ASN A 516 28.79 -14.33 12.13
C ASN A 516 29.74 -13.98 13.26
N ARG A 517 30.32 -15.00 13.89
CA ARG A 517 31.17 -14.83 15.06
C ARG A 517 32.43 -13.98 14.80
N SER A 518 33.00 -14.12 13.61
CA SER A 518 34.23 -13.40 13.26
C SER A 518 34.03 -11.88 13.09
N THR A 519 32.97 -11.50 12.40
CA THR A 519 32.67 -10.09 12.15
C THR A 519 31.77 -9.48 13.23
N GLY A 520 31.14 -10.36 14.01
CA GLY A 520 30.18 -9.91 15.02
C GLY A 520 28.86 -9.48 14.41
N GLU A 521 28.66 -9.80 13.13
CA GLU A 521 27.43 -9.46 12.43
C GLU A 521 26.27 -10.33 12.92
N LEU A 522 25.19 -9.68 13.31
CA LEU A 522 24.03 -10.36 13.87
C LEU A 522 22.76 -9.76 13.26
N ILE A 523 21.87 -10.63 12.80
CA ILE A 523 20.64 -10.19 12.14
C ILE A 523 19.42 -10.88 12.74
N THR A 524 18.43 -10.06 13.12
CA THR A 524 17.16 -10.55 13.64
C THR A 524 16.07 -10.34 12.60
N PHE A 525 15.26 -11.37 12.38
CA PHE A 525 14.26 -11.39 11.29
C PHE A 525 13.15 -12.40 11.57
N ASP A 526 12.23 -12.56 10.63
CA ASP A 526 11.24 -13.64 10.64
C ASP A 526 11.67 -14.71 9.63
N ASP A 527 11.52 -15.97 9.99
CA ASP A 527 11.75 -17.06 9.04
C ASP A 527 10.55 -18.00 9.02
N HIS A 528 10.68 -19.11 8.29
CA HIS A 528 9.57 -20.08 8.18
C HIS A 528 9.04 -20.48 9.54
N ARG A 529 9.94 -20.83 10.46
CA ARG A 529 9.55 -21.31 11.80
C ARG A 529 8.80 -20.27 12.63
N SER A 530 9.34 -19.05 12.69
CA SER A 530 8.72 -17.98 13.47
C SER A 530 7.38 -17.53 12.88
N VAL A 531 7.28 -17.56 11.55
CA VAL A 531 6.03 -17.17 10.89
C VAL A 531 4.95 -18.26 11.04
N LEU A 532 5.36 -19.52 11.01
CA LEU A 532 4.47 -20.62 11.39
C LEU A 532 3.90 -20.40 12.80
N ALA A 533 4.79 -20.05 13.73
CA ALA A 533 4.41 -19.75 15.11
C ALA A 533 3.44 -18.58 15.20
N LYS A 534 3.66 -17.55 14.38
CA LYS A 534 2.76 -16.40 14.33
C LYS A 534 1.38 -16.76 13.81
N GLY A 535 1.35 -17.60 12.77
CA GLY A 535 0.08 -18.07 12.19
C GLY A 535 -0.72 -18.89 13.17
N ASN A 536 -0.04 -19.83 13.83
CA ASN A 536 -0.67 -20.67 14.85
C ASN A 536 -1.17 -19.83 16.04
N TYR A 537 -0.39 -18.82 16.42
CA TYR A 537 -0.76 -17.82 17.44
C TYR A 537 -2.01 -17.04 17.02
N ALA A 538 -2.02 -16.56 15.77
CA ALA A 538 -3.15 -15.81 15.24
C ALA A 538 -4.44 -16.64 15.21
N LYS A 539 -4.32 -17.92 14.87
CA LYS A 539 -5.46 -18.83 14.86
C LYS A 539 -5.98 -19.08 16.28
N SER A 540 -5.06 -19.32 17.21
CA SER A 540 -5.42 -19.62 18.61
C SER A 540 -6.19 -18.47 19.27
N LEU A 541 -5.80 -17.23 18.96
CA LEU A 541 -6.43 -16.05 19.54
C LEU A 541 -7.62 -15.52 18.75
N GLY A 542 -7.85 -16.10 17.57
CA GLY A 542 -8.93 -15.65 16.70
C GLY A 542 -8.69 -14.27 16.12
N LEU A 543 -7.42 -13.97 15.81
CA LEU A 543 -7.08 -12.71 15.15
C LEU A 543 -7.61 -12.69 13.72
N ALA A 544 -7.68 -11.50 13.12
CA ALA A 544 -8.21 -11.34 11.76
C ALA A 544 -7.35 -12.02 10.71
N GLY A 545 -6.06 -12.12 10.98
CA GLY A 545 -5.11 -12.73 10.07
C GLY A 545 -3.73 -12.13 10.22
N LEU A 546 -2.97 -12.14 9.13
CA LEU A 546 -1.59 -11.67 9.11
C LEU A 546 -1.37 -10.61 8.04
N PHE A 547 -0.43 -9.72 8.28
CA PHE A 547 0.07 -8.81 7.25
C PHE A 547 1.59 -8.72 7.32
N SER A 548 2.19 -8.03 6.35
CA SER A 548 3.64 -8.02 6.21
C SER A 548 4.18 -6.73 5.59
N TRP A 549 5.41 -6.41 5.97
CA TRP A 549 6.19 -5.34 5.34
C TRP A 549 7.57 -5.90 4.98
N GLU A 550 8.05 -5.75 3.74
CA GLU A 550 7.36 -5.23 2.56
C GLU A 550 7.54 -6.32 1.48
N ILE A 551 6.57 -6.47 0.56
CA ILE A 551 6.56 -7.69 -0.30
C ILE A 551 7.77 -7.81 -1.20
N ASP A 552 8.36 -6.69 -1.60
CA ASP A 552 9.54 -6.72 -2.47
C ASP A 552 10.72 -7.45 -1.84
N ALA A 553 10.74 -7.50 -0.51
CA ALA A 553 11.86 -8.09 0.23
C ALA A 553 11.73 -9.59 0.43
N ASP A 554 10.54 -10.12 0.12
CA ASP A 554 10.28 -11.56 0.23
C ASP A 554 10.70 -12.27 -1.05
N ASN A 555 11.13 -13.53 -0.91
CA ASN A 555 11.40 -14.39 -2.06
C ASN A 555 10.30 -15.44 -2.24
N GLY A 556 9.26 -15.32 -1.41
CA GLY A 556 8.18 -16.31 -1.38
C GLY A 556 8.10 -17.03 -0.06
N ASP A 557 9.24 -17.25 0.59
CA ASP A 557 9.31 -18.00 1.85
C ASP A 557 8.37 -17.46 2.94
N ILE A 558 8.36 -16.14 3.11
CA ILE A 558 7.61 -15.52 4.20
C ILE A 558 6.10 -15.59 3.97
N LEU A 559 5.65 -15.18 2.79
CA LEU A 559 4.23 -15.26 2.47
C LEU A 559 3.75 -16.71 2.44
N ASN A 560 4.60 -17.61 1.95
CA ASN A 560 4.33 -19.05 2.02
C ASN A 560 4.05 -19.49 3.45
N ALA A 561 4.96 -19.14 4.36
CA ALA A 561 4.82 -19.50 5.78
C ALA A 561 3.60 -18.84 6.43
N MET A 562 3.24 -17.65 5.97
CA MET A 562 2.05 -16.97 6.45
C MET A 562 0.80 -17.79 6.19
N HIS A 563 0.68 -18.32 4.97
CA HIS A 563 -0.43 -19.19 4.60
C HIS A 563 -0.38 -20.54 5.32
N GLU A 564 0.81 -21.13 5.38
CA GLU A 564 0.99 -22.44 6.02
C GLU A 564 0.74 -22.39 7.52
N GLY A 565 1.02 -21.25 8.14
CA GLY A 565 0.76 -21.02 9.56
C GLY A 565 -0.72 -20.86 9.88
N MET A 566 -1.49 -20.37 8.91
CA MET A 566 -2.93 -20.15 9.08
C MET A 566 -3.77 -21.32 8.55
N ALA A 567 -3.10 -22.39 8.12
CA ALA A 567 -3.78 -23.57 7.56
C ALA A 567 -4.52 -24.35 8.64
#